data_9AS7
#
_entry.id   9AS7
#
_cell.length_a   1.00
_cell.length_b   1.00
_cell.length_c   1.00
_cell.angle_alpha   90.00
_cell.angle_beta   90.00
_cell.angle_gamma   90.00
#
_symmetry.space_group_name_H-M   'P 1'
#
loop_
_entity.id
_entity.type
_entity.pdbx_description
1 polymer '5-hydroxytryptamine receptor 2A'
2 non-polymer 3-[2-(dimethylamino)ethyl]-1~{H}-indol-4-ol
#
_entity_poly.entity_id   1
_entity_poly.type   'polypeptide(L)'
_entity_poly.pdbx_seq_one_letter_code
;MDILCEENTSLSSTTNSLMQLNDDTRLYSNDFNSGEANTSDAFNWTVDSENRTNLSCEGCLSPSCLSLLHLQEKNWSALL
TAVVIILTIAGNILVIMAVSLEKKLQNATNYFLMSLAIADMLLGFLVMPVSMLTILYGYRWPLPSKLCAVWIYLDVLFST
ASIMHLCAISLDRYVAIQNPIHHSRFNSRTKAFLKIIAVWTISVGISMPIPVFGLQDDSKVFKEGSCLLADDNFVLIGSF
VSFFIPLTIMVITYFLTIKSLQKEATLCVSDLGTRAKLASFSFLPQSSLSSEKLFQRSIHREPGSYTGRRTMQSISNEQK
ACKVLGIVFFLFVVMWCPFFITNIMAVICKESCNEDVIGALLNVFVWIGYLSSAVNPLVYTLFNKTYRSAFSRYIQCQYK
ENKKPLQLILVNTIPALAYKSSQLQMGQKKNSKQDAKTTDNDCSMVALGKQHSEEASKDNSDGVNEKVSCV
;
_entity_poly.pdbx_strand_id   A
#
# COMPACT_ATOMS: atom_id res chain seq x y z
N LEU A 79 10.48 13.04 18.44
CA LEU A 79 9.18 12.65 17.89
C LEU A 79 9.33 11.41 17.03
N LEU A 80 8.40 10.47 17.19
CA LEU A 80 8.44 9.18 16.49
C LEU A 80 7.72 9.20 15.15
N THR A 81 7.59 10.38 14.53
CA THR A 81 7.06 10.51 13.17
C THR A 81 8.17 10.76 12.16
N ALA A 82 9.16 11.57 12.53
CA ALA A 82 10.37 11.68 11.73
C ALA A 82 11.06 10.33 11.57
N VAL A 83 11.01 9.49 12.62
CA VAL A 83 11.54 8.15 12.52
C VAL A 83 10.81 7.36 11.44
N VAL A 84 9.48 7.51 11.39
CA VAL A 84 8.70 6.78 10.40
C VAL A 84 9.06 7.23 8.98
N ILE A 85 9.16 8.54 8.76
CA ILE A 85 9.46 9.00 7.40
C ILE A 85 10.87 8.58 7.00
N ILE A 86 11.82 8.66 7.94
CA ILE A 86 13.20 8.27 7.65
C ILE A 86 13.27 6.79 7.33
N LEU A 87 12.56 5.96 8.10
CA LEU A 87 12.55 4.52 7.84
C LEU A 87 11.95 4.22 6.47
N THR A 88 10.85 4.89 6.13
CA THR A 88 10.23 4.69 4.82
C THR A 88 11.20 5.00 3.70
N ILE A 89 11.81 6.20 3.76
CA ILE A 89 12.70 6.65 2.69
C ILE A 89 13.90 5.72 2.57
N ALA A 90 14.53 5.40 3.71
CA ALA A 90 15.74 4.58 3.69
C ALA A 90 15.44 3.17 3.18
N GLY A 91 14.37 2.54 3.67
CA GLY A 91 14.04 1.21 3.23
C GLY A 91 13.72 1.13 1.75
N ASN A 92 12.90 2.06 1.25
CA ASN A 92 12.56 2.00 -0.17
C ASN A 92 13.76 2.34 -1.05
N ILE A 93 14.60 3.28 -0.63
CA ILE A 93 15.81 3.58 -1.41
C ILE A 93 16.71 2.35 -1.46
N LEU A 94 16.88 1.66 -0.31
CA LEU A 94 17.74 0.49 -0.30
C LEU A 94 17.19 -0.64 -1.16
N VAL A 95 15.87 -0.83 -1.17
CA VAL A 95 15.29 -1.87 -2.03
C VAL A 95 15.49 -1.53 -3.50
N ILE A 96 15.29 -0.25 -3.87
CA ILE A 96 15.49 0.14 -5.26
C ILE A 96 16.95 -0.04 -5.65
N MET A 97 17.87 0.32 -4.76
CA MET A 97 19.29 0.14 -5.03
C MET A 97 19.62 -1.34 -5.21
N ALA A 98 19.08 -2.20 -4.35
CA ALA A 98 19.34 -3.63 -4.47
C ALA A 98 18.81 -4.19 -5.78
N VAL A 99 17.62 -3.76 -6.20
CA VAL A 99 17.07 -4.24 -7.47
C VAL A 99 17.93 -3.77 -8.64
N SER A 100 18.36 -2.50 -8.61
CA SER A 100 19.05 -1.93 -9.75
C SER A 100 20.51 -2.37 -9.87
N LEU A 101 21.20 -2.58 -8.75
CA LEU A 101 22.64 -2.82 -8.77
C LEU A 101 23.01 -4.29 -8.93
N GLU A 102 22.05 -5.21 -8.85
CA GLU A 102 22.32 -6.64 -8.86
C GLU A 102 21.78 -7.25 -10.15
N LYS A 103 22.65 -7.97 -10.87
CA LYS A 103 22.24 -8.64 -12.09
C LYS A 103 21.42 -9.90 -11.83
N LYS A 104 21.54 -10.48 -10.64
CA LYS A 104 20.79 -11.68 -10.29
C LYS A 104 19.35 -11.38 -9.88
N LEU A 105 19.02 -10.13 -9.57
CA LEU A 105 17.69 -9.75 -9.10
C LEU A 105 16.84 -9.09 -10.18
N GLN A 106 17.29 -9.11 -11.44
CA GLN A 106 16.52 -8.56 -12.55
C GLN A 106 15.67 -9.68 -13.15
N ASN A 107 14.54 -9.95 -12.51
CA ASN A 107 13.51 -10.84 -13.03
C ASN A 107 12.16 -10.14 -12.95
N ALA A 108 11.16 -10.77 -13.56
CA ALA A 108 9.85 -10.14 -13.70
C ALA A 108 9.19 -9.81 -12.36
N THR A 109 9.45 -10.60 -11.31
CA THR A 109 8.84 -10.34 -10.02
C THR A 109 9.50 -9.14 -9.33
N ASN A 110 10.82 -9.04 -9.45
CA ASN A 110 11.55 -7.95 -8.74
C ASN A 110 11.22 -6.59 -9.38
N TYR A 111 10.85 -6.56 -10.66
CA TYR A 111 10.45 -5.28 -11.25
C TYR A 111 9.14 -4.78 -10.66
N PHE A 112 8.18 -5.69 -10.45
CA PHE A 112 6.96 -5.30 -9.74
C PHE A 112 7.26 -4.91 -8.30
N LEU A 113 8.20 -5.61 -7.65
CA LEU A 113 8.60 -5.23 -6.31
C LEU A 113 9.22 -3.84 -6.29
N MET A 114 10.01 -3.51 -7.31
CA MET A 114 10.57 -2.16 -7.44
C MET A 114 9.48 -1.13 -7.66
N SER A 115 8.43 -1.48 -8.42
CA SER A 115 7.30 -0.58 -8.58
C SER A 115 6.61 -0.32 -7.24
N LEU A 116 6.43 -1.37 -6.44
CA LEU A 116 5.91 -1.21 -5.09
C LEU A 116 6.81 -0.29 -4.27
N ALA A 117 8.12 -0.48 -4.38
CA ALA A 117 9.05 0.37 -3.63
C ALA A 117 8.95 1.82 -4.07
N ILE A 118 8.79 2.06 -5.38
CA ILE A 118 8.65 3.41 -5.90
C ILE A 118 7.37 4.06 -5.35
N ALA A 119 6.27 3.31 -5.36
CA ALA A 119 5.01 3.85 -4.85
C ALA A 119 5.12 4.17 -3.37
N ASP A 120 5.73 3.27 -2.59
CA ASP A 120 5.89 3.51 -1.16
C ASP A 120 6.82 4.68 -0.89
N MET A 121 7.88 4.84 -1.68
CA MET A 121 8.79 5.96 -1.52
C MET A 121 8.09 7.28 -1.82
N LEU A 122 7.29 7.31 -2.90
CA LEU A 122 6.53 8.52 -3.20
C LEU A 122 5.55 8.84 -2.08
N LEU A 123 4.89 7.82 -1.54
CA LEU A 123 4.00 8.01 -0.41
C LEU A 123 4.74 8.60 0.79
N GLY A 124 5.91 8.04 1.11
CA GLY A 124 6.68 8.47 2.25
C GLY A 124 7.34 9.83 2.10
N PHE A 125 7.58 10.27 0.87
CA PHE A 125 8.25 11.55 0.61
C PHE A 125 7.28 12.70 0.40
N LEU A 126 6.23 12.51 -0.40
CA LEU A 126 5.36 13.62 -0.76
C LEU A 126 4.21 13.85 0.21
N VAL A 127 3.72 12.80 0.86
CA VAL A 127 2.49 12.86 1.64
C VAL A 127 2.76 12.87 3.13
N MET A 128 3.61 11.96 3.62
CA MET A 128 3.79 11.79 5.06
C MET A 128 4.38 13.03 5.75
N PRO A 129 5.45 13.66 5.27
CA PRO A 129 5.96 14.85 5.98
C PRO A 129 4.96 15.98 6.05
N VAL A 130 4.11 16.15 5.03
CA VAL A 130 3.06 17.16 5.12
C VAL A 130 2.08 16.79 6.22
N SER A 131 1.81 15.50 6.41
CA SER A 131 0.97 15.06 7.52
C SER A 131 1.62 15.37 8.86
N MET A 132 2.93 15.18 8.99
CA MET A 132 3.60 15.54 10.24
C MET A 132 3.51 17.05 10.46
N LEU A 133 3.64 17.83 9.39
CA LEU A 133 3.49 19.28 9.51
C LEU A 133 2.09 19.64 9.97
N THR A 134 1.07 18.94 9.45
CA THR A 134 -0.29 19.16 9.90
C THR A 134 -0.44 18.84 11.38
N ILE A 135 0.21 17.77 11.85
CA ILE A 135 0.20 17.46 13.28
C ILE A 135 0.86 18.58 14.07
N LEU A 136 1.97 19.11 13.56
CA LEU A 136 2.74 20.09 14.32
C LEU A 136 1.99 21.40 14.54
N TYR A 137 1.00 21.72 13.71
CA TYR A 137 0.23 22.95 13.79
C TYR A 137 -1.15 22.71 14.39
N GLY A 138 -1.28 21.64 15.18
CA GLY A 138 -2.58 21.31 15.75
C GLY A 138 -3.63 21.02 14.70
N TYR A 139 -3.24 20.33 13.62
CA TYR A 139 -4.15 20.01 12.52
C TYR A 139 -4.77 21.27 11.93
N ARG A 140 -3.96 22.32 11.79
CA ARG A 140 -4.31 23.53 11.08
C ARG A 140 -3.44 23.61 9.83
N TRP A 141 -4.07 23.78 8.67
CA TRP A 141 -3.35 23.66 7.42
C TRP A 141 -2.35 24.82 7.26
N PRO A 142 -1.14 24.54 6.76
CA PRO A 142 -0.24 25.64 6.40
C PRO A 142 -0.81 26.57 5.35
N LEU A 143 0.00 27.58 5.01
CA LEU A 143 -0.49 28.75 4.28
C LEU A 143 -1.18 28.45 2.95
N PRO A 144 -0.62 27.67 2.03
CA PRO A 144 -1.29 27.52 0.72
C PRO A 144 -2.47 26.58 0.82
N SER A 145 -3.67 27.12 0.59
CA SER A 145 -4.89 26.34 0.74
C SER A 145 -5.09 25.37 -0.43
N LYS A 146 -4.52 25.69 -1.59
CA LYS A 146 -4.72 24.85 -2.77
C LYS A 146 -4.04 23.50 -2.65
N LEU A 147 -3.12 23.34 -1.68
CA LEU A 147 -2.37 22.10 -1.58
C LEU A 147 -3.21 20.96 -1.00
N CYS A 148 -4.37 21.28 -0.42
CA CYS A 148 -5.15 20.25 0.29
C CYS A 148 -5.70 19.21 -0.68
N ALA A 149 -6.32 19.65 -1.78
CA ALA A 149 -6.94 18.70 -2.70
C ALA A 149 -5.89 17.82 -3.37
N VAL A 150 -4.78 18.41 -3.82
CA VAL A 150 -3.73 17.62 -4.45
C VAL A 150 -3.08 16.68 -3.44
N TRP A 151 -2.94 17.13 -2.19
CA TRP A 151 -2.39 16.26 -1.15
C TRP A 151 -3.27 15.05 -0.91
N ILE A 152 -4.58 15.25 -0.83
CA ILE A 152 -5.51 14.13 -0.67
C ILE A 152 -5.43 13.21 -1.89
N TYR A 153 -5.34 13.81 -3.09
CA TYR A 153 -5.19 13.03 -4.31
C TYR A 153 -3.97 12.12 -4.23
N LEU A 154 -2.81 12.68 -3.89
CA LEU A 154 -1.59 11.89 -3.84
C LEU A 154 -1.67 10.82 -2.77
N ASP A 155 -2.24 11.15 -1.61
CA ASP A 155 -2.37 10.17 -0.53
C ASP A 155 -3.22 8.98 -0.97
N VAL A 156 -4.41 9.25 -1.49
CA VAL A 156 -5.30 8.17 -1.90
C VAL A 156 -4.69 7.38 -3.04
N LEU A 157 -4.06 8.08 -4.01
CA LEU A 157 -3.46 7.41 -5.15
C LEU A 157 -2.37 6.44 -4.73
N PHE A 158 -1.42 6.89 -3.90
CA PHE A 158 -0.34 6.01 -3.52
C PHE A 158 -0.79 4.90 -2.59
N SER A 159 -1.74 5.18 -1.69
CA SER A 159 -2.25 4.13 -0.82
C SER A 159 -2.96 3.05 -1.63
N THR A 160 -3.81 3.45 -2.58
CA THR A 160 -4.47 2.46 -3.44
C THR A 160 -3.45 1.71 -4.28
N ALA A 161 -2.42 2.41 -4.79
CA ALA A 161 -1.41 1.74 -5.60
C ALA A 161 -0.72 0.64 -4.80
N SER A 162 -0.35 0.94 -3.56
CA SER A 162 0.25 -0.08 -2.70
C SER A 162 -0.72 -1.23 -2.45
N ILE A 163 -1.98 -0.91 -2.18
CA ILE A 163 -2.93 -1.96 -1.79
C ILE A 163 -3.15 -2.95 -2.94
N MET A 164 -3.45 -2.45 -4.14
CA MET A 164 -3.64 -3.38 -5.25
C MET A 164 -2.32 -3.91 -5.81
N HIS A 165 -1.17 -3.30 -5.50
CA HIS A 165 0.10 -3.98 -5.75
C HIS A 165 0.19 -5.25 -4.93
N LEU A 166 -0.13 -5.16 -3.64
CA LEU A 166 -0.13 -6.36 -2.78
C LEU A 166 -1.16 -7.37 -3.26
N CYS A 167 -2.34 -6.90 -3.68
CA CYS A 167 -3.36 -7.80 -4.20
C CYS A 167 -2.86 -8.54 -5.45
N ALA A 168 -2.21 -7.81 -6.35
CA ALA A 168 -1.66 -8.44 -7.56
C ALA A 168 -0.56 -9.42 -7.21
N ILE A 169 0.27 -9.12 -6.20
CA ILE A 169 1.31 -10.06 -5.80
C ILE A 169 0.68 -11.36 -5.30
N SER A 170 -0.35 -11.25 -4.47
CA SER A 170 -1.03 -12.46 -3.98
C SER A 170 -1.66 -13.24 -5.11
N LEU A 171 -2.32 -12.54 -6.05
CA LEU A 171 -2.95 -13.21 -7.18
C LEU A 171 -1.92 -13.92 -8.05
N ASP A 172 -0.77 -13.29 -8.24
CA ASP A 172 0.30 -13.88 -9.10
C ASP A 172 0.89 -15.11 -8.38
N ARG A 173 1.09 -15.02 -7.07
CA ARG A 173 1.60 -16.18 -6.32
C ARG A 173 0.62 -17.35 -6.33
N TYR A 174 -0.68 -17.09 -6.33
CA TYR A 174 -1.63 -18.19 -6.38
C TYR A 174 -1.50 -18.99 -7.67
N VAL A 175 -1.37 -18.31 -8.81
CA VAL A 175 -1.21 -19.04 -10.07
C VAL A 175 0.19 -19.61 -10.20
N ALA A 176 1.19 -19.01 -9.55
CA ALA A 176 2.53 -19.58 -9.55
C ALA A 176 2.60 -20.86 -8.73
N ILE A 177 1.78 -21.00 -7.70
CA ILE A 177 1.77 -22.19 -6.84
C ILE A 177 0.84 -23.26 -7.39
N GLN A 178 -0.34 -22.86 -7.85
CA GLN A 178 -1.34 -23.84 -8.28
C GLN A 178 -0.95 -24.48 -9.61
N ASN A 179 -0.44 -23.66 -10.54
CA ASN A 179 -0.05 -24.11 -11.88
C ASN A 179 1.35 -23.61 -12.18
N PRO A 180 2.38 -24.25 -11.60
CA PRO A 180 3.75 -23.75 -11.85
C PRO A 180 4.19 -23.87 -13.29
N ILE A 181 3.90 -24.99 -13.96
CA ILE A 181 4.38 -25.17 -15.33
C ILE A 181 3.70 -24.19 -16.28
N HIS A 182 2.37 -24.08 -16.20
CA HIS A 182 1.66 -23.15 -17.07
C HIS A 182 2.01 -21.70 -16.75
N HIS A 183 2.19 -21.37 -15.47
CA HIS A 183 2.60 -20.03 -15.10
C HIS A 183 3.99 -19.70 -15.67
N SER A 184 4.92 -20.65 -15.58
CA SER A 184 6.24 -20.43 -16.17
C SER A 184 6.17 -20.30 -17.69
N ARG A 185 5.34 -21.12 -18.34
CA ARG A 185 5.21 -21.03 -19.79
C ARG A 185 4.64 -19.68 -20.22
N PHE A 186 3.63 -19.19 -19.52
CA PHE A 186 3.03 -17.89 -19.82
C PHE A 186 3.77 -16.73 -19.18
N ASN A 187 4.71 -16.98 -18.28
CA ASN A 187 5.45 -15.90 -17.64
C ASN A 187 6.35 -15.21 -18.65
N SER A 188 6.33 -13.89 -18.67
CA SER A 188 7.13 -13.11 -19.61
C SER A 188 7.25 -11.70 -19.08
N ARG A 189 8.08 -10.89 -19.76
CA ARG A 189 8.16 -9.48 -19.43
C ARG A 189 6.87 -8.76 -19.80
N THR A 190 6.21 -9.17 -20.87
CA THR A 190 4.95 -8.56 -21.25
C THR A 190 3.89 -8.73 -20.18
N LYS A 191 3.85 -9.91 -19.54
CA LYS A 191 2.91 -10.13 -18.46
C LYS A 191 3.17 -9.19 -17.29
N ALA A 192 4.44 -8.99 -16.94
CA ALA A 192 4.77 -8.08 -15.86
C ALA A 192 4.40 -6.64 -16.19
N PHE A 193 4.66 -6.21 -17.42
CA PHE A 193 4.28 -4.85 -17.81
C PHE A 193 2.77 -4.68 -17.81
N LEU A 194 2.04 -5.70 -18.29
CA LEU A 194 0.58 -5.66 -18.25
C LEU A 194 0.09 -5.57 -16.80
N LYS A 195 0.72 -6.33 -15.91
CA LYS A 195 0.39 -6.29 -14.49
C LYS A 195 0.57 -4.88 -13.93
N ILE A 196 1.72 -4.26 -14.22
CA ILE A 196 2.03 -2.94 -13.68
C ILE A 196 1.04 -1.90 -14.19
N ILE A 197 0.81 -1.89 -15.51
CA ILE A 197 -0.12 -0.89 -16.05
C ILE A 197 -1.53 -1.16 -15.57
N ALA A 198 -1.92 -2.42 -15.37
CA ALA A 198 -3.27 -2.71 -14.88
C ALA A 198 -3.47 -2.17 -13.47
N VAL A 199 -2.53 -2.44 -12.57
CA VAL A 199 -2.69 -1.96 -11.19
C VAL A 199 -2.66 -0.44 -11.15
N TRP A 200 -1.76 0.18 -11.91
CA TRP A 200 -1.71 1.64 -11.90
C TRP A 200 -2.93 2.27 -12.56
N THR A 201 -3.47 1.64 -13.60
CA THR A 201 -4.68 2.15 -14.24
C THR A 201 -5.88 2.07 -13.31
N ILE A 202 -6.01 0.96 -12.58
CA ILE A 202 -7.12 0.86 -11.64
C ILE A 202 -6.95 1.88 -10.51
N SER A 203 -5.71 2.08 -10.04
CA SER A 203 -5.48 3.08 -9.00
C SER A 203 -5.80 4.48 -9.50
N VAL A 204 -5.46 4.80 -10.74
CA VAL A 204 -5.77 6.11 -11.30
C VAL A 204 -7.28 6.28 -11.42
N GLY A 205 -7.98 5.23 -11.89
CA GLY A 205 -9.42 5.32 -12.01
C GLY A 205 -10.12 5.48 -10.68
N ILE A 206 -9.61 4.84 -9.63
CA ILE A 206 -10.22 4.96 -8.31
C ILE A 206 -10.07 6.39 -7.79
N SER A 207 -8.89 6.98 -7.98
CA SER A 207 -8.58 8.29 -7.44
C SER A 207 -9.03 9.44 -8.34
N MET A 208 -9.68 9.14 -9.47
CA MET A 208 -9.95 10.17 -10.48
C MET A 208 -10.78 11.36 -9.99
N PRO A 209 -11.88 11.19 -9.25
CA PRO A 209 -12.75 12.35 -8.96
C PRO A 209 -12.16 13.39 -8.00
N ILE A 210 -11.08 13.08 -7.27
CA ILE A 210 -10.64 13.97 -6.19
C ILE A 210 -10.23 15.35 -6.71
N PRO A 211 -9.35 15.48 -7.72
CA PRO A 211 -9.03 16.82 -8.22
C PRO A 211 -10.11 17.41 -9.11
N VAL A 212 -10.94 16.57 -9.72
CA VAL A 212 -12.04 17.08 -10.54
C VAL A 212 -13.03 17.85 -9.67
N PHE A 213 -13.39 17.28 -8.51
CA PHE A 213 -14.40 17.85 -7.63
C PHE A 213 -13.84 18.47 -6.36
N GLY A 214 -12.65 18.04 -5.91
CA GLY A 214 -12.07 18.62 -4.72
C GLY A 214 -11.74 20.09 -4.85
N LEU A 215 -11.23 20.52 -5.99
CA LEU A 215 -10.95 21.93 -6.24
C LEU A 215 -12.16 22.70 -6.73
N GLN A 216 -13.14 22.01 -7.34
CA GLN A 216 -14.36 22.69 -7.77
C GLN A 216 -15.21 23.13 -6.58
N ASP A 217 -15.13 22.40 -5.46
CA ASP A 217 -15.83 22.75 -4.24
C ASP A 217 -14.90 22.50 -3.06
N ASP A 218 -14.48 23.57 -2.39
CA ASP A 218 -13.54 23.46 -1.28
C ASP A 218 -14.13 22.75 -0.07
N SER A 219 -15.45 22.71 0.06
CA SER A 219 -16.06 22.04 1.21
C SER A 219 -15.83 20.54 1.20
N LYS A 220 -15.70 19.92 0.03
CA LYS A 220 -15.50 18.49 -0.07
C LYS A 220 -14.11 18.04 0.40
N VAL A 221 -13.17 18.97 0.58
CA VAL A 221 -11.81 18.67 1.01
C VAL A 221 -11.43 19.37 2.30
N PHE A 222 -12.31 20.21 2.87
CA PHE A 222 -12.06 20.93 4.11
C PHE A 222 -13.20 20.68 5.08
N LYS A 223 -12.87 20.69 6.36
CA LYS A 223 -13.88 20.52 7.41
C LYS A 223 -13.31 21.07 8.71
N GLU A 224 -13.92 22.14 9.23
CA GLU A 224 -13.51 22.76 10.47
C GLU A 224 -12.07 23.27 10.39
N GLY A 225 -11.67 23.75 9.21
CA GLY A 225 -10.36 24.32 9.03
C GLY A 225 -9.21 23.33 8.92
N SER A 226 -9.52 22.03 8.79
CA SER A 226 -8.50 20.99 8.66
C SER A 226 -8.68 20.28 7.32
N CYS A 227 -7.57 19.87 6.72
CA CYS A 227 -7.57 19.25 5.40
C CYS A 227 -7.97 17.78 5.54
N LEU A 228 -9.18 17.46 5.12
CA LEU A 228 -9.64 16.07 5.07
C LEU A 228 -10.86 16.01 4.16
N LEU A 229 -10.97 14.92 3.42
CA LEU A 229 -12.10 14.76 2.51
C LEU A 229 -13.37 14.45 3.28
N ALA A 230 -14.45 15.13 2.90
CA ALA A 230 -15.75 15.02 3.57
C ALA A 230 -16.85 14.73 2.56
N ASP A 231 -16.60 13.80 1.65
CA ASP A 231 -17.59 13.31 0.69
C ASP A 231 -18.04 11.94 1.17
N ASP A 232 -19.25 11.88 1.74
CA ASP A 232 -19.73 10.65 2.37
C ASP A 232 -19.87 9.52 1.36
N ASN A 233 -20.45 9.80 0.18
CA ASN A 233 -20.68 8.73 -0.79
C ASN A 233 -19.37 8.16 -1.32
N PHE A 234 -18.40 9.03 -1.63
CA PHE A 234 -17.12 8.54 -2.14
C PHE A 234 -16.38 7.74 -1.08
N VAL A 235 -16.39 8.20 0.17
CA VAL A 235 -15.70 7.51 1.25
C VAL A 235 -16.27 6.12 1.48
N LEU A 236 -17.54 5.89 1.18
CA LEU A 236 -18.18 4.59 1.38
C LEU A 236 -17.94 3.67 0.19
N ILE A 237 -18.28 4.09 -1.03
CA ILE A 237 -18.02 3.28 -2.22
C ILE A 237 -16.56 3.26 -2.60
N GLY A 238 -15.85 4.39 -2.46
CA GLY A 238 -14.43 4.44 -2.78
C GLY A 238 -13.57 3.53 -1.93
N SER A 239 -14.06 3.15 -0.75
CA SER A 239 -13.43 2.11 0.05
C SER A 239 -13.89 0.71 -0.29
N PHE A 240 -15.04 0.57 -0.98
CA PHE A 240 -15.57 -0.73 -1.35
C PHE A 240 -14.85 -1.34 -2.56
N VAL A 241 -14.02 -0.56 -3.25
CA VAL A 241 -13.25 -1.04 -4.40
C VAL A 241 -11.77 -0.74 -4.19
N SER A 242 -11.38 -0.48 -2.94
CA SER A 242 -9.99 -0.16 -2.61
C SER A 242 -9.47 -1.04 -1.49
N PHE A 243 -10.32 -1.34 -0.49
CA PHE A 243 -9.89 -2.20 0.62
C PHE A 243 -11.01 -3.12 1.10
N PHE A 244 -11.99 -3.43 0.27
CA PHE A 244 -12.97 -4.46 0.64
C PHE A 244 -13.20 -5.48 -0.46
N ILE A 245 -13.18 -5.07 -1.73
CA ILE A 245 -13.10 -6.04 -2.82
C ILE A 245 -11.68 -6.56 -2.97
N PRO A 246 -10.64 -5.72 -2.96
CA PRO A 246 -9.27 -6.25 -2.83
C PRO A 246 -9.09 -7.09 -1.58
N LEU A 247 -9.70 -6.72 -0.45
CA LEU A 247 -9.56 -7.53 0.75
C LEU A 247 -10.22 -8.90 0.58
N THR A 248 -11.41 -8.93 -0.02
CA THR A 248 -12.07 -10.22 -0.28
C THR A 248 -11.20 -11.07 -1.21
N ILE A 249 -10.65 -10.46 -2.26
CA ILE A 249 -9.77 -11.18 -3.16
C ILE A 249 -8.57 -11.73 -2.40
N MET A 250 -7.99 -10.92 -1.50
CA MET A 250 -6.78 -11.34 -0.80
C MET A 250 -7.05 -12.47 0.19
N VAL A 251 -8.15 -12.42 0.94
CA VAL A 251 -8.42 -13.54 1.84
C VAL A 251 -8.77 -14.81 1.06
N ILE A 252 -9.52 -14.70 -0.04
CA ILE A 252 -9.81 -15.88 -0.84
C ILE A 252 -8.52 -16.47 -1.41
N THR A 253 -7.63 -15.61 -1.90
CA THR A 253 -6.36 -16.06 -2.46
C THR A 253 -5.48 -16.69 -1.38
N TYR A 254 -5.47 -16.10 -0.18
CA TYR A 254 -4.68 -16.67 0.91
C TYR A 254 -5.20 -18.05 1.29
N PHE A 255 -6.52 -18.21 1.39
CA PHE A 255 -7.09 -19.52 1.70
C PHE A 255 -6.75 -20.53 0.62
N LEU A 256 -6.90 -20.15 -0.65
CA LEU A 256 -6.61 -21.09 -1.72
C LEU A 256 -5.13 -21.44 -1.78
N THR A 257 -4.24 -20.50 -1.46
CA THR A 257 -2.81 -20.78 -1.52
C THR A 257 -2.38 -21.69 -0.36
N ILE A 258 -2.85 -21.42 0.86
CA ILE A 258 -2.51 -22.32 1.95
C ILE A 258 -3.14 -23.70 1.74
N LYS A 259 -4.28 -23.76 1.02
CA LYS A 259 -4.81 -25.06 0.62
C LYS A 259 -3.87 -25.73 -0.39
N SER A 260 -3.29 -24.95 -1.30
CA SER A 260 -2.47 -25.52 -2.36
C SER A 260 -1.09 -25.95 -1.87
N LEU A 261 -0.50 -25.21 -0.94
CA LEU A 261 0.84 -25.51 -0.45
C LEU A 261 0.86 -26.69 0.51
N GLN A 262 -0.30 -27.19 0.95
CA GLN A 262 -0.38 -28.29 1.90
C GLN A 262 -1.06 -29.53 1.35
N LYS A 263 -1.68 -29.46 0.17
CA LYS A 263 -2.36 -30.61 -0.41
C LYS A 263 -2.26 -30.58 -1.92
N GLN A 313 11.48 -33.33 1.93
CA GLN A 313 12.61 -32.45 1.64
C GLN A 313 12.12 -31.17 0.97
N SER A 314 11.12 -31.31 0.10
CA SER A 314 10.48 -30.17 -0.54
C SER A 314 9.40 -29.54 0.33
N ILE A 315 9.03 -30.16 1.45
CA ILE A 315 8.00 -29.61 2.32
C ILE A 315 8.54 -28.49 3.21
N SER A 316 9.85 -28.43 3.46
CA SER A 316 10.40 -27.33 4.24
C SER A 316 10.26 -26.01 3.48
N ASN A 317 10.50 -26.03 2.17
CA ASN A 317 10.30 -24.83 1.36
C ASN A 317 8.84 -24.40 1.38
N GLU A 318 7.91 -25.35 1.29
CA GLU A 318 6.50 -25.01 1.31
C GLU A 318 6.09 -24.45 2.67
N GLN A 319 6.64 -25.01 3.76
CA GLN A 319 6.35 -24.48 5.09
C GLN A 319 6.87 -23.07 5.25
N LYS A 320 8.09 -22.80 4.77
CA LYS A 320 8.62 -21.45 4.84
C LYS A 320 7.78 -20.49 4.01
N ALA A 321 7.34 -20.92 2.82
CA ALA A 321 6.49 -20.07 2.00
C ALA A 321 5.16 -19.78 2.69
N CYS A 322 4.57 -20.79 3.33
CA CYS A 322 3.32 -20.59 4.06
C CYS A 322 3.50 -19.61 5.22
N LYS A 323 4.61 -19.75 5.97
CA LYS A 323 4.87 -18.84 7.06
C LYS A 323 5.04 -17.41 6.58
N VAL A 324 5.79 -17.22 5.48
CA VAL A 324 6.01 -15.89 4.94
C VAL A 324 4.69 -15.29 4.45
N LEU A 325 3.87 -16.10 3.76
CA LEU A 325 2.59 -15.63 3.28
C LEU A 325 1.68 -15.23 4.44
N GLY A 326 1.66 -16.03 5.50
CA GLY A 326 0.84 -15.69 6.65
C GLY A 326 1.29 -14.41 7.32
N ILE A 327 2.60 -14.25 7.52
CA ILE A 327 3.12 -13.03 8.14
C ILE A 327 2.74 -11.82 7.30
N VAL A 328 2.97 -11.90 5.99
CA VAL A 328 2.70 -10.77 5.10
C VAL A 328 1.22 -10.42 5.11
N PHE A 329 0.35 -11.42 4.94
CA PHE A 329 -1.08 -11.18 4.86
C PHE A 329 -1.62 -10.60 6.16
N PHE A 330 -1.23 -11.19 7.30
CA PHE A 330 -1.76 -10.72 8.57
C PHE A 330 -1.22 -9.34 8.94
N LEU A 331 0.04 -9.03 8.60
CA LEU A 331 0.54 -7.68 8.83
C LEU A 331 -0.21 -6.67 7.98
N PHE A 332 -0.43 -6.98 6.70
CA PHE A 332 -1.19 -6.09 5.83
C PHE A 332 -2.57 -5.82 6.40
N VAL A 333 -3.27 -6.88 6.81
CA VAL A 333 -4.61 -6.72 7.37
C VAL A 333 -4.57 -5.89 8.65
N VAL A 334 -3.71 -6.26 9.59
CA VAL A 334 -3.72 -5.60 10.90
C VAL A 334 -3.29 -4.14 10.80
N MET A 335 -2.44 -3.77 9.85
CA MET A 335 -2.02 -2.38 9.75
C MET A 335 -3.03 -1.52 9.00
N TRP A 336 -3.58 -1.99 7.87
CA TRP A 336 -4.49 -1.14 7.09
C TRP A 336 -5.95 -1.26 7.47
N CYS A 337 -6.44 -2.43 7.87
CA CYS A 337 -7.86 -2.58 8.19
C CYS A 337 -8.37 -1.67 9.30
N PRO A 338 -7.64 -1.41 10.40
CA PRO A 338 -8.21 -0.51 11.43
C PRO A 338 -8.59 0.86 10.89
N PHE A 339 -7.75 1.45 10.05
CA PHE A 339 -8.04 2.79 9.51
C PHE A 339 -9.29 2.77 8.64
N PHE A 340 -9.41 1.77 7.75
CA PHE A 340 -10.58 1.71 6.89
C PHE A 340 -11.84 1.41 7.68
N ILE A 341 -11.74 0.55 8.69
CA ILE A 341 -12.91 0.22 9.51
C ILE A 341 -13.41 1.46 10.24
N THR A 342 -12.51 2.20 10.90
CA THR A 342 -12.95 3.42 11.58
C THR A 342 -13.37 4.51 10.60
N ASN A 343 -12.78 4.54 9.40
CA ASN A 343 -13.21 5.49 8.38
C ASN A 343 -14.65 5.22 7.94
N ILE A 344 -15.00 3.96 7.73
CA ILE A 344 -16.38 3.63 7.38
C ILE A 344 -17.31 3.88 8.56
N MET A 345 -16.84 3.59 9.78
CA MET A 345 -17.66 3.83 10.96
C MET A 345 -17.92 5.30 11.21
N ALA A 346 -16.99 6.17 10.81
CA ALA A 346 -17.19 7.61 10.93
C ALA A 346 -18.27 8.14 10.00
N VAL A 347 -18.62 7.41 8.95
CA VAL A 347 -19.60 7.83 7.95
C VAL A 347 -20.95 7.17 8.20
N ILE A 348 -20.97 5.84 8.34
CA ILE A 348 -22.23 5.12 8.47
C ILE A 348 -22.89 5.30 9.83
N CYS A 349 -22.14 5.68 10.86
CA CYS A 349 -22.72 5.93 12.17
C CYS A 349 -23.33 7.33 12.21
N ASN A 354 -19.00 10.63 19.93
CA ASN A 354 -18.36 9.63 19.09
C ASN A 354 -17.48 10.27 18.03
N GLU A 355 -17.87 11.46 17.56
CA GLU A 355 -17.13 12.11 16.48
C GLU A 355 -15.71 12.46 16.91
N ASP A 356 -15.56 13.05 18.10
CA ASP A 356 -14.22 13.40 18.57
C ASP A 356 -13.36 12.17 18.80
N VAL A 357 -13.94 11.13 19.41
CA VAL A 357 -13.18 9.92 19.68
C VAL A 357 -12.77 9.24 18.38
N ILE A 358 -13.69 9.16 17.41
CA ILE A 358 -13.37 8.51 16.15
C ILE A 358 -12.33 9.32 15.37
N GLY A 359 -12.41 10.65 15.45
CA GLY A 359 -11.40 11.48 14.81
C GLY A 359 -10.02 11.30 15.42
N ALA A 360 -9.95 11.27 16.76
CA ALA A 360 -8.68 11.03 17.42
C ALA A 360 -8.12 9.65 17.08
N LEU A 361 -9.00 8.65 16.97
CA LEU A 361 -8.55 7.31 16.57
C LEU A 361 -8.03 7.32 15.14
N LEU A 362 -8.73 8.03 14.25
CA LEU A 362 -8.29 8.13 12.86
C LEU A 362 -6.92 8.79 12.75
N ASN A 363 -6.66 9.79 13.60
CA ASN A 363 -5.39 10.51 13.54
C ASN A 363 -4.20 9.60 13.78
N VAL A 364 -4.38 8.52 14.54
CA VAL A 364 -3.29 7.60 14.84
C VAL A 364 -3.33 6.41 13.89
N PHE A 365 -4.53 5.99 13.49
CA PHE A 365 -4.63 4.84 12.59
C PHE A 365 -4.17 5.17 11.18
N VAL A 366 -4.27 6.44 10.76
CA VAL A 366 -3.72 6.83 9.47
C VAL A 366 -2.21 6.66 9.47
N TRP A 367 -1.54 6.96 10.58
CA TRP A 367 -0.10 6.74 10.67
C TRP A 367 0.26 5.27 10.86
N ILE A 368 -0.60 4.50 11.53
CA ILE A 368 -0.41 3.05 11.55
C ILE A 368 -0.42 2.50 10.13
N GLY A 369 -1.36 2.98 9.30
CA GLY A 369 -1.38 2.59 7.90
C GLY A 369 -0.17 3.09 7.12
N TYR A 370 0.25 4.33 7.37
CA TYR A 370 1.45 4.85 6.71
C TYR A 370 2.67 4.03 7.03
N LEU A 371 2.76 3.49 8.24
CA LEU A 371 3.91 2.67 8.62
C LEU A 371 4.05 1.42 7.76
N SER A 372 2.98 0.99 7.08
CA SER A 372 3.07 -0.14 6.16
C SER A 372 4.00 0.16 5.00
N SER A 373 4.12 1.42 4.59
CA SER A 373 5.10 1.77 3.56
C SER A 373 6.53 1.54 4.03
N ALA A 374 6.78 1.63 5.32
CA ALA A 374 8.09 1.35 5.90
C ALA A 374 8.28 -0.13 6.26
N VAL A 375 7.22 -0.94 6.17
CA VAL A 375 7.28 -2.35 6.52
C VAL A 375 7.20 -3.24 5.29
N ASN A 376 6.55 -2.76 4.23
CA ASN A 376 6.45 -3.54 3.00
C ASN A 376 7.78 -3.95 2.40
N PRO A 377 8.77 -3.06 2.18
CA PRO A 377 10.06 -3.52 1.59
C PRO A 377 10.69 -4.59 2.47
N LEU A 378 10.75 -4.38 3.79
CA LEU A 378 11.47 -5.31 4.64
C LEU A 378 10.84 -6.70 4.62
N VAL A 379 9.51 -6.79 4.62
CA VAL A 379 8.85 -8.10 4.63
C VAL A 379 8.75 -8.72 3.25
N TYR A 380 8.89 -7.93 2.17
CA TYR A 380 8.86 -8.48 0.82
C TYR A 380 10.23 -8.72 0.21
N THR A 381 11.31 -8.27 0.86
CA THR A 381 12.65 -8.41 0.23
C THR A 381 13.66 -9.03 1.17
N LEU A 382 13.58 -8.76 2.47
CA LEU A 382 14.65 -9.19 3.37
C LEU A 382 14.69 -10.71 3.58
N PHE A 383 13.66 -11.45 3.17
CA PHE A 383 13.72 -12.90 3.28
C PHE A 383 14.69 -13.53 2.29
N ASN A 384 15.19 -12.72 1.34
CA ASN A 384 16.19 -13.21 0.35
C ASN A 384 17.60 -12.91 0.86
N LYS A 385 18.55 -13.83 0.62
CA LYS A 385 19.93 -13.58 1.02
C LYS A 385 20.59 -12.53 0.13
N THR A 386 20.16 -12.41 -1.12
CA THR A 386 20.69 -11.37 -1.99
C THR A 386 20.34 -9.98 -1.46
N TYR A 387 19.08 -9.79 -1.04
CA TYR A 387 18.69 -8.50 -0.48
C TYR A 387 19.38 -8.24 0.85
N ARG A 388 19.54 -9.27 1.69
CA ARG A 388 20.26 -9.08 2.94
C ARG A 388 21.71 -8.68 2.70
N SER A 389 22.37 -9.30 1.72
CA SER A 389 23.73 -8.90 1.38
C SER A 389 23.79 -7.49 0.80
N ALA A 390 22.85 -7.12 -0.07
CA ALA A 390 22.85 -5.80 -0.66
C ALA A 390 22.58 -4.70 0.37
N PHE A 391 21.65 -4.94 1.29
CA PHE A 391 21.40 -3.98 2.36
C PHE A 391 22.63 -3.77 3.22
N SER A 392 23.45 -4.81 3.38
CA SER A 392 24.70 -4.74 4.12
C SER A 392 25.89 -4.39 3.25
N ARG A 393 25.66 -3.69 2.13
CA ARG A 393 26.73 -3.25 1.24
C ARG A 393 26.55 -1.77 0.88
#